data_7PKA
#
_entry.id   7PKA
#
_cell.length_a   92.613
_cell.length_b   92.613
_cell.length_c   193.561
_cell.angle_alpha   90
_cell.angle_beta   90
_cell.angle_gamma   90
#
_symmetry.space_group_name_H-M   'P 43 21 2'
#
loop_
_entity.id
_entity.type
_entity.pdbx_description
1 polymer 'Glutathione S-transferase'
2 non-polymer S-Hydroxy-Glutathione
3 non-polymer 'POTASSIUM ION'
4 water water
#
_entity_poly.entity_id   1
_entity_poly.type   'polypeptide(L)'
_entity_poly.pdbx_seq_one_letter_code
;MIKLYGAPQSRASIIQWYLEELSLPYEFVNVNLKEGEHRQAPYLAINPFGKVPAIADGNFHLWESGAILLYLAEKASTIP
ADAQARALVNQWILFANSTLANGLFIEAVREKEMPRLLQSLEKILGRSPFILGEKFSVVDVAVGSILAYVPIMLKLNFDD
YPAVAAYVQGLVQRPAFQASIGARLEHHHHHH
;
_entity_poly.pdbx_strand_id   A,B
#
# COMPACT_ATOMS: atom_id res chain seq x y z
N MET A 1 2.22 -19.86 17.08
CA MET A 1 2.93 -19.30 15.93
C MET A 1 1.94 -18.69 14.92
N ILE A 2 2.44 -17.88 13.99
CA ILE A 2 1.62 -17.23 12.98
C ILE A 2 0.95 -18.28 12.10
N LYS A 3 -0.35 -18.13 11.77
CA LYS A 3 -0.96 -18.97 10.76
C LYS A 3 -0.86 -18.11 9.48
N LEU A 4 -0.34 -18.66 8.39
CA LEU A 4 -0.23 -17.95 7.13
C LEU A 4 -1.14 -18.65 6.09
N TYR A 5 -2.12 -17.93 5.55
CA TYR A 5 -3.04 -18.45 4.53
C TYR A 5 -2.51 -18.10 3.16
N GLY A 6 -2.33 -19.11 2.34
CA GLY A 6 -1.77 -18.93 1.01
C GLY A 6 -2.36 -19.84 -0.03
N ALA A 7 -1.77 -19.84 -1.22
CA ALA A 7 -2.20 -20.67 -2.35
C ALA A 7 -1.00 -20.78 -3.29
N PRO A 8 -0.93 -21.78 -4.20
CA PRO A 8 0.25 -21.88 -5.08
C PRO A 8 0.48 -20.60 -5.90
N GLN A 9 1.73 -20.15 -5.90
CA GLN A 9 2.17 -18.94 -6.61
C GLN A 9 1.60 -17.62 -6.06
N SER A 10 0.95 -17.66 -4.88
CA SER A 10 0.37 -16.45 -4.31
C SER A 10 1.45 -15.59 -3.60
N ARG A 11 1.06 -14.41 -3.10
CA ARG A 11 1.96 -13.56 -2.34
C ARG A 11 2.20 -14.04 -0.93
N ALA A 12 1.59 -15.18 -0.50
CA ALA A 12 1.93 -15.76 0.82
C ALA A 12 3.40 -16.19 0.79
N SER A 13 3.97 -16.55 -0.39
CA SER A 13 5.41 -16.90 -0.48
C SER A 13 6.31 -15.73 -0.12
N ILE A 14 5.86 -14.49 -0.36
CA ILE A 14 6.58 -13.27 0.01
C ILE A 14 6.59 -13.14 1.53
N ILE A 15 5.45 -13.40 2.19
CA ILE A 15 5.36 -13.36 3.66
C ILE A 15 6.23 -14.47 4.25
N GLN A 16 6.17 -15.66 3.65
CA GLN A 16 6.97 -16.81 4.08
C GLN A 16 8.46 -16.48 3.94
N TRP A 17 8.86 -15.75 2.89
CA TRP A 17 10.26 -15.34 2.71
C TRP A 17 10.70 -14.49 3.87
N TYR A 18 9.86 -13.52 4.23
CA TYR A 18 10.17 -12.65 5.36
C TYR A 18 10.19 -13.38 6.70
N LEU A 19 9.22 -14.29 6.94
CA LEU A 19 9.18 -15.11 8.17
C LEU A 19 10.45 -15.94 8.25
N GLU A 20 10.95 -16.46 7.14
CA GLU A 20 12.20 -17.24 7.09
C GLU A 20 13.41 -16.32 7.35
N GLU A 21 13.43 -15.09 6.78
CA GLU A 21 14.49 -14.11 7.07
C GLU A 21 14.52 -13.80 8.58
N LEU A 22 13.36 -13.74 9.23
CA LEU A 22 13.30 -13.47 10.68
C LEU A 22 13.53 -14.70 11.54
N SER A 23 13.65 -15.91 10.94
CA SER A 23 13.78 -17.19 11.64
C SER A 23 12.55 -17.41 12.54
N LEU A 24 11.35 -17.10 12.01
CA LEU A 24 10.12 -17.31 12.78
C LEU A 24 9.40 -18.51 12.25
N PRO A 25 8.80 -19.34 13.13
CA PRO A 25 8.02 -20.47 12.62
C PRO A 25 6.63 -19.97 12.19
N TYR A 26 5.95 -20.77 11.37
CA TYR A 26 4.63 -20.41 10.90
C TYR A 26 3.89 -21.68 10.52
N GLU A 27 2.59 -21.65 10.66
CA GLU A 27 1.74 -22.72 10.24
C GLU A 27 1.13 -22.30 8.89
N PHE A 28 1.53 -22.95 7.81
CA PHE A 28 1.02 -22.64 6.48
C PHE A 28 -0.28 -23.37 6.21
N VAL A 29 -1.29 -22.63 5.74
CA VAL A 29 -2.58 -23.19 5.42
C VAL A 29 -2.92 -22.85 3.99
N ASN A 30 -3.01 -23.88 3.14
CA ASN A 30 -3.36 -23.70 1.75
C ASN A 30 -4.86 -23.50 1.58
N VAL A 31 -5.24 -22.49 0.81
CA VAL A 31 -6.63 -22.19 0.49
C VAL A 31 -6.75 -22.55 -0.99
N ASN A 32 -7.62 -23.51 -1.30
CA ASN A 32 -7.77 -24.01 -2.66
C ASN A 32 -8.55 -23.03 -3.51
N LEU A 33 -7.85 -22.18 -4.27
CA LEU A 33 -8.52 -21.17 -5.11
C LEU A 33 -9.27 -21.80 -6.27
N LYS A 34 -8.68 -22.86 -6.88
CA LYS A 34 -9.30 -23.59 -7.99
C LYS A 34 -10.70 -24.09 -7.61
N GLU A 35 -10.88 -24.51 -6.37
CA GLU A 35 -12.18 -24.94 -5.88
C GLU A 35 -13.01 -23.86 -5.17
N GLY A 36 -12.58 -22.61 -5.24
CA GLY A 36 -13.28 -21.48 -4.65
C GLY A 36 -13.36 -21.47 -3.13
N GLU A 37 -12.39 -22.07 -2.44
CA GLU A 37 -12.38 -22.09 -0.96
C GLU A 37 -12.21 -20.67 -0.35
N HIS A 38 -11.56 -19.77 -1.09
CA HIS A 38 -11.38 -18.39 -0.68
C HIS A 38 -12.70 -17.61 -0.73
N ARG A 39 -13.71 -18.09 -1.50
CA ARG A 39 -15.04 -17.45 -1.57
C ARG A 39 -16.07 -18.13 -0.63
N GLN A 40 -15.63 -19.04 0.26
CA GLN A 40 -16.51 -19.71 1.20
C GLN A 40 -16.50 -18.99 2.55
N ALA A 41 -17.54 -19.18 3.37
CA ALA A 41 -17.70 -18.49 4.65
C ALA A 41 -16.49 -18.51 5.56
N PRO A 42 -15.79 -19.65 5.83
CA PRO A 42 -14.64 -19.58 6.76
C PRO A 42 -13.52 -18.62 6.29
N TYR A 43 -13.14 -18.65 4.99
CA TYR A 43 -12.10 -17.74 4.53
C TYR A 43 -12.61 -16.30 4.44
N LEU A 44 -13.87 -16.09 4.04
CA LEU A 44 -14.43 -14.74 4.00
C LEU A 44 -14.49 -14.10 5.40
N ALA A 45 -14.45 -14.91 6.49
CA ALA A 45 -14.40 -14.36 7.87
C ALA A 45 -12.98 -13.87 8.21
N ILE A 46 -11.94 -14.33 7.48
CA ILE A 46 -10.56 -13.90 7.63
C ILE A 46 -10.35 -12.68 6.69
N ASN A 47 -10.63 -12.82 5.39
CA ASN A 47 -10.55 -11.68 4.47
C ASN A 47 -11.88 -11.61 3.73
N PRO A 48 -12.68 -10.57 4.03
CA PRO A 48 -13.99 -10.42 3.36
C PRO A 48 -13.93 -10.17 1.86
N PHE A 49 -12.74 -9.90 1.34
CA PHE A 49 -12.54 -9.73 -0.09
C PHE A 49 -12.06 -11.04 -0.77
N GLY A 50 -11.88 -12.10 0.01
CA GLY A 50 -11.52 -13.42 -0.47
C GLY A 50 -10.20 -13.49 -1.18
N LYS A 51 -9.19 -12.80 -0.64
CA LYS A 51 -7.86 -12.85 -1.24
C LYS A 51 -6.83 -13.38 -0.26
N VAL A 52 -5.82 -14.05 -0.81
CA VAL A 52 -4.66 -14.53 -0.07
C VAL A 52 -3.47 -13.60 -0.49
N PRO A 53 -2.53 -13.31 0.43
CA PRO A 53 -2.42 -13.88 1.78
C PRO A 53 -3.21 -13.17 2.90
N ALA A 54 -3.29 -13.87 4.02
CA ALA A 54 -3.78 -13.38 5.30
C ALA A 54 -3.04 -14.13 6.40
N ILE A 55 -2.97 -13.55 7.59
CA ILE A 55 -2.36 -14.20 8.74
C ILE A 55 -3.35 -14.14 9.92
N ALA A 56 -3.15 -15.04 10.87
CA ALA A 56 -3.82 -15.08 12.16
C ALA A 56 -2.66 -15.12 13.16
N ASP A 57 -2.63 -14.18 14.08
CA ASP A 57 -1.63 -14.13 15.12
C ASP A 57 -2.44 -14.23 16.39
N GLY A 58 -2.76 -15.46 16.80
CA GLY A 58 -3.66 -15.70 17.91
C GLY A 58 -5.05 -15.33 17.43
N ASN A 59 -5.73 -14.47 18.16
CA ASN A 59 -7.06 -14.00 17.76
C ASN A 59 -7.00 -12.84 16.71
N PHE A 60 -5.83 -12.23 16.48
CA PHE A 60 -5.72 -11.13 15.52
C PHE A 60 -5.64 -11.62 14.10
N HIS A 61 -6.48 -11.10 13.19
CA HIS A 61 -6.42 -11.49 11.78
C HIS A 61 -6.02 -10.27 10.95
N LEU A 62 -5.22 -10.48 9.89
CA LEU A 62 -4.76 -9.37 9.07
C LEU A 62 -4.60 -9.81 7.64
N TRP A 63 -5.04 -8.98 6.69
CA TRP A 63 -4.88 -9.28 5.26
C TRP A 63 -4.19 -8.07 4.53
N GLU A 64 -3.82 -8.25 3.25
CA GLU A 64 -3.01 -7.35 2.43
C GLU A 64 -1.56 -7.69 2.75
N SER A 65 -0.85 -8.27 1.77
CA SER A 65 0.56 -8.69 1.93
C SER A 65 1.44 -7.57 2.47
N GLY A 66 1.18 -6.33 2.02
CA GLY A 66 1.96 -5.18 2.47
C GLY A 66 1.76 -4.89 3.95
N ALA A 67 0.49 -4.90 4.41
CA ALA A 67 0.21 -4.65 5.82
C ALA A 67 0.78 -5.78 6.68
N ILE A 68 0.74 -7.02 6.18
CA ILE A 68 1.31 -8.15 6.93
C ILE A 68 2.82 -7.97 7.08
N LEU A 69 3.51 -7.58 5.98
CA LEU A 69 4.96 -7.37 6.03
C LEU A 69 5.31 -6.27 7.04
N LEU A 70 4.55 -5.16 7.05
CA LEU A 70 4.76 -4.07 8.01
C LEU A 70 4.52 -4.50 9.45
N TYR A 71 3.42 -5.23 9.70
CA TYR A 71 3.12 -5.76 11.04
C TYR A 71 4.23 -6.68 11.53
N LEU A 72 4.67 -7.63 10.71
CA LEU A 72 5.76 -8.55 11.10
C LEU A 72 7.06 -7.78 11.39
N ALA A 73 7.39 -6.74 10.58
CA ALA A 73 8.61 -5.95 10.76
C ALA A 73 8.58 -5.20 12.06
N GLU A 74 7.41 -4.65 12.41
CA GLU A 74 7.20 -3.93 13.66
C GLU A 74 7.31 -4.88 14.84
N LYS A 75 6.64 -6.03 14.76
CA LYS A 75 6.66 -7.06 15.80
C LYS A 75 8.08 -7.59 16.08
N ALA A 76 8.94 -7.64 15.06
N ALA A 76 8.92 -7.70 15.05
CA ALA A 76 10.31 -8.13 15.23
CA ALA A 76 10.29 -8.20 15.21
C ALA A 76 11.34 -7.03 15.50
C ALA A 76 11.30 -7.14 15.67
N SER A 77 10.93 -5.75 15.54
N SER A 77 10.85 -5.90 15.89
CA SER A 77 11.85 -4.65 15.80
CA SER A 77 11.67 -4.76 16.31
C SER A 77 12.28 -4.60 17.26
C SER A 77 12.75 -4.42 15.27
N THR A 78 13.59 -4.44 17.50
N THR A 78 12.39 -4.48 13.98
CA THR A 78 14.14 -4.38 18.85
CA THR A 78 13.34 -4.13 12.92
C THR A 78 14.22 -2.94 19.37
C THR A 78 13.25 -2.66 12.45
N ILE A 79 14.47 -1.98 18.49
N ILE A 79 12.31 -1.87 13.01
CA ILE A 79 14.54 -0.58 18.87
CA ILE A 79 12.12 -0.45 12.64
C ILE A 79 13.26 0.11 18.45
C ILE A 79 12.41 0.41 13.89
N PRO A 80 12.45 0.59 19.41
N PRO A 80 13.20 1.50 13.74
CA PRO A 80 11.19 1.26 19.05
CA PRO A 80 13.60 2.34 14.89
C PRO A 80 11.40 2.45 18.11
C PRO A 80 12.62 2.57 16.07
N ALA A 81 10.72 2.41 16.96
N ALA A 81 11.34 3.00 15.82
CA ALA A 81 10.84 3.44 15.93
CA ALA A 81 10.21 3.24 16.79
C ALA A 81 9.71 4.45 16.01
C ALA A 81 9.62 4.65 16.75
N ASP A 82 9.98 5.71 15.62
N ASP A 82 9.63 5.31 15.59
CA ASP A 82 8.94 6.74 15.63
CA ASP A 82 9.03 6.64 15.45
C ASP A 82 8.10 6.73 14.33
C ASP A 82 8.13 6.70 14.23
N ALA A 83 7.16 7.66 14.20
CA ALA A 83 6.27 7.77 13.04
C ALA A 83 7.03 7.99 11.71
N GLN A 84 8.18 8.70 11.73
CA GLN A 84 8.95 8.95 10.51
C GLN A 84 9.69 7.73 10.02
N ALA A 85 10.18 6.89 10.94
CA ALA A 85 10.88 5.67 10.60
C ALA A 85 9.91 4.66 10.03
N ARG A 86 8.70 4.55 10.60
CA ARG A 86 7.69 3.64 10.07
C ARG A 86 7.18 4.16 8.74
N ALA A 87 7.02 5.49 8.61
CA ALA A 87 6.56 6.11 7.35
C ALA A 87 7.46 5.76 6.19
N LEU A 88 8.78 5.78 6.38
CA LEU A 88 9.69 5.45 5.29
C LEU A 88 9.52 3.99 4.85
N VAL A 89 9.28 3.07 5.79
CA VAL A 89 9.04 1.67 5.44
C VAL A 89 7.65 1.53 4.75
N ASN A 90 6.62 2.21 5.28
CA ASN A 90 5.27 2.23 4.70
C ASN A 90 5.33 2.74 3.25
N GLN A 91 6.14 3.77 2.99
CA GLN A 91 6.33 4.33 1.64
C GLN A 91 6.75 3.26 0.64
N TRP A 92 7.77 2.51 0.97
CA TRP A 92 8.29 1.50 0.08
C TRP A 92 7.32 0.32 -0.08
N ILE A 93 6.58 -0.03 0.98
CA ILE A 93 5.61 -1.13 0.93
C ILE A 93 4.45 -0.73 0.01
N LEU A 94 3.97 0.50 0.13
CA LEU A 94 2.93 1.01 -0.74
C LEU A 94 3.38 1.15 -2.16
N PHE A 95 4.65 1.56 -2.36
CA PHE A 95 5.22 1.71 -3.70
C PHE A 95 5.28 0.31 -4.37
N ALA A 96 5.78 -0.70 -3.65
CA ALA A 96 5.86 -2.08 -4.20
C ALA A 96 4.49 -2.60 -4.63
N ASN A 97 3.46 -2.34 -3.81
CA ASN A 97 2.10 -2.79 -3.99
C ASN A 97 1.27 -1.98 -4.95
N SER A 98 1.69 -0.75 -5.29
CA SER A 98 0.91 0.04 -6.23
C SER A 98 1.76 0.52 -7.41
N THR A 99 2.48 1.63 -7.24
CA THR A 99 3.30 2.26 -8.27
C THR A 99 4.23 1.29 -9.03
N LEU A 100 5.01 0.49 -8.32
CA LEU A 100 5.94 -0.44 -8.95
C LEU A 100 5.23 -1.60 -9.67
N ALA A 101 4.37 -2.36 -8.97
CA ALA A 101 3.68 -3.48 -9.60
C ALA A 101 2.83 -3.06 -10.79
N ASN A 102 2.17 -1.90 -10.72
CA ASN A 102 1.35 -1.45 -11.86
C ASN A 102 2.19 -1.02 -13.04
N GLY A 103 3.27 -0.30 -12.78
CA GLY A 103 4.12 0.17 -13.85
C GLY A 103 4.84 -0.93 -14.60
N LEU A 104 5.12 -2.04 -13.93
CA LEU A 104 5.80 -3.18 -14.54
C LEU A 104 4.83 -4.16 -15.19
N PHE A 105 3.67 -4.42 -14.55
CA PHE A 105 2.78 -5.47 -15.01
C PHE A 105 1.55 -5.03 -15.80
N ILE A 106 1.21 -3.74 -15.86
CA ILE A 106 0.06 -3.30 -16.65
C ILE A 106 0.55 -2.96 -18.04
N GLU A 107 0.17 -3.78 -19.04
CA GLU A 107 0.64 -3.62 -20.43
C GLU A 107 0.45 -2.24 -21.01
N ALA A 108 -0.70 -1.62 -20.76
CA ALA A 108 -1.03 -0.30 -21.27
C ALA A 108 -0.08 0.81 -20.80
N VAL A 109 0.50 0.66 -19.59
CA VAL A 109 1.39 1.69 -19.06
C VAL A 109 2.87 1.26 -19.06
N ARG A 110 3.16 -0.04 -19.19
CA ARG A 110 4.52 -0.59 -19.11
C ARG A 110 5.55 0.13 -20.00
N GLU A 111 5.20 0.51 -21.24
CA GLU A 111 6.15 1.17 -22.13
C GLU A 111 6.72 2.46 -21.57
N LYS A 112 5.89 3.28 -20.91
CA LYS A 112 6.35 4.54 -20.33
C LYS A 112 6.89 4.38 -18.89
N GLU A 113 6.16 3.61 -18.07
CA GLU A 113 6.46 3.43 -16.64
C GLU A 113 7.69 2.58 -16.31
N MET A 114 7.80 1.38 -16.87
CA MET A 114 8.89 0.44 -16.59
C MET A 114 10.31 1.03 -16.74
N PRO A 115 10.69 1.67 -17.88
CA PRO A 115 12.05 2.23 -17.96
C PRO A 115 12.34 3.25 -16.86
N ARG A 116 11.34 4.10 -16.53
CA ARG A 116 11.50 5.13 -15.50
C ARG A 116 11.66 4.53 -14.10
N LEU A 117 10.84 3.50 -13.75
CA LEU A 117 10.92 2.86 -12.45
C LEU A 117 12.27 2.16 -12.31
N LEU A 118 12.67 1.43 -13.35
CA LEU A 118 13.93 0.68 -13.32
C LEU A 118 15.13 1.58 -13.27
N GLN A 119 15.07 2.71 -13.98
CA GLN A 119 16.13 3.70 -14.00
C GLN A 119 16.33 4.30 -12.60
N SER A 120 15.24 4.63 -11.89
CA SER A 120 15.36 5.18 -10.53
C SER A 120 15.87 4.15 -9.53
N LEU A 121 15.36 2.92 -9.64
CA LEU A 121 15.83 1.83 -8.77
C LEU A 121 17.32 1.56 -9.05
N GLU A 122 17.71 1.58 -10.33
CA GLU A 122 19.10 1.37 -10.73
C GLU A 122 20.05 2.37 -10.05
N LYS A 123 19.65 3.64 -9.96
CA LYS A 123 20.45 4.67 -9.33
C LYS A 123 20.60 4.41 -7.84
N ILE A 124 19.52 4.03 -7.17
CA ILE A 124 19.55 3.69 -5.75
C ILE A 124 20.42 2.44 -5.50
N LEU A 125 20.18 1.39 -6.28
CA LEU A 125 20.87 0.11 -6.13
C LEU A 125 22.33 0.16 -6.58
N GLY A 126 22.70 1.14 -7.39
CA GLY A 126 24.09 1.36 -7.77
C GLY A 126 24.89 1.98 -6.64
N ARG A 127 24.24 2.62 -5.65
CA ARG A 127 24.91 3.29 -4.53
C ARG A 127 24.90 2.49 -3.24
N SER A 128 23.99 1.54 -3.08
CA SER A 128 23.92 0.72 -1.86
C SER A 128 23.46 -0.68 -2.18
N PRO A 129 23.93 -1.68 -1.41
CA PRO A 129 23.54 -3.06 -1.72
C PRO A 129 22.05 -3.33 -1.63
N PHE A 130 21.37 -2.70 -0.65
CA PHE A 130 19.93 -2.86 -0.44
C PHE A 130 19.20 -1.52 -0.59
N ILE A 131 17.85 -1.52 -0.63
CA ILE A 131 17.10 -0.28 -0.85
C ILE A 131 17.30 0.76 0.27
N LEU A 132 17.32 0.34 1.54
CA LEU A 132 17.49 1.31 2.63
C LEU A 132 18.97 1.54 3.04
N GLY A 133 19.91 0.94 2.34
CA GLY A 133 21.32 1.12 2.67
C GLY A 133 22.12 -0.16 2.70
N GLU A 134 22.96 -0.31 3.71
CA GLU A 134 23.84 -1.49 3.82
C GLU A 134 23.10 -2.75 4.25
N LYS A 135 22.01 -2.59 5.01
CA LYS A 135 21.29 -3.73 5.54
C LYS A 135 20.03 -4.15 4.79
N PHE A 136 19.85 -5.46 4.69
CA PHE A 136 18.66 -6.05 4.12
C PHE A 136 17.48 -5.75 5.08
N SER A 137 16.31 -5.47 4.52
CA SER A 137 15.13 -5.18 5.34
C SER A 137 13.85 -5.67 4.68
N VAL A 138 12.70 -5.51 5.36
CA VAL A 138 11.38 -5.83 4.81
C VAL A 138 11.12 -5.10 3.47
N VAL A 139 11.78 -3.95 3.24
CA VAL A 139 11.65 -3.21 1.99
C VAL A 139 12.18 -4.04 0.83
N ASP A 140 13.29 -4.76 1.06
CA ASP A 140 13.86 -5.61 0.03
C ASP A 140 12.97 -6.80 -0.31
N VAL A 141 12.23 -7.32 0.69
CA VAL A 141 11.25 -8.36 0.47
C VAL A 141 10.11 -7.81 -0.39
N ALA A 142 9.58 -6.64 -0.02
CA ALA A 142 8.47 -6.01 -0.74
C ALA A 142 8.84 -5.64 -2.18
N VAL A 143 9.95 -4.91 -2.38
CA VAL A 143 10.36 -4.50 -3.74
C VAL A 143 11.03 -5.63 -4.52
N GLY A 144 11.98 -6.31 -3.92
CA GLY A 144 12.70 -7.41 -4.53
C GLY A 144 11.82 -8.54 -5.07
N SER A 145 10.71 -8.84 -4.37
CA SER A 145 9.75 -9.85 -4.81
C SER A 145 9.15 -9.45 -6.13
N ILE A 146 8.77 -8.17 -6.30
CA ILE A 146 8.16 -7.70 -7.53
C ILE A 146 9.17 -7.81 -8.66
N LEU A 147 10.40 -7.31 -8.42
CA LEU A 147 11.48 -7.34 -9.42
C LEU A 147 11.84 -8.78 -9.84
N ALA A 148 11.94 -9.73 -8.88
CA ALA A 148 12.25 -11.15 -9.19
C ALA A 148 11.18 -11.82 -10.07
N TYR A 149 9.95 -11.34 -10.02
CA TYR A 149 8.87 -11.87 -10.83
C TYR A 149 8.91 -11.36 -12.26
N VAL A 150 9.64 -10.26 -12.56
CA VAL A 150 9.72 -9.73 -13.92
C VAL A 150 10.24 -10.79 -14.92
N PRO A 151 11.39 -11.45 -14.68
CA PRO A 151 11.85 -12.48 -15.66
C PRO A 151 10.84 -13.61 -15.83
N ILE A 152 10.31 -14.09 -14.69
CA ILE A 152 9.35 -15.18 -14.57
C ILE A 152 8.03 -14.96 -15.33
N MET A 153 7.42 -13.77 -15.23
CA MET A 153 6.10 -13.54 -15.79
C MET A 153 6.06 -12.70 -17.07
N LEU A 154 7.02 -11.79 -17.28
CA LEU A 154 7.04 -10.97 -18.49
C LEU A 154 8.05 -11.43 -19.53
N LYS A 155 8.94 -12.37 -19.17
CA LYS A 155 10.01 -12.84 -20.04
C LYS A 155 10.91 -11.69 -20.48
N LEU A 156 11.18 -10.79 -19.53
CA LEU A 156 12.06 -9.64 -19.71
C LEU A 156 13.25 -9.86 -18.78
N ASN A 157 14.34 -9.16 -19.04
CA ASN A 157 15.54 -9.26 -18.21
C ASN A 157 16.01 -7.87 -17.77
N PHE A 158 17.03 -7.83 -16.92
CA PHE A 158 17.58 -6.58 -16.44
C PHE A 158 18.99 -6.35 -17.04
N ASP A 159 19.19 -6.72 -18.34
CA ASP A 159 20.47 -6.52 -19.05
C ASP A 159 20.88 -5.06 -19.13
N ASP A 160 19.91 -4.15 -19.26
CA ASP A 160 20.21 -2.72 -19.32
C ASP A 160 20.22 -2.02 -17.95
N TYR A 161 20.04 -2.80 -16.87
CA TYR A 161 19.99 -2.28 -15.50
C TYR A 161 20.86 -3.23 -14.68
N PRO A 162 22.19 -3.08 -14.77
CA PRO A 162 23.07 -4.05 -14.09
C PRO A 162 22.96 -4.11 -12.58
N ALA A 163 22.67 -2.97 -11.90
CA ALA A 163 22.53 -3.00 -10.45
C ALA A 163 21.22 -3.67 -10.04
N VAL A 164 20.14 -3.52 -10.84
CA VAL A 164 18.89 -4.20 -10.54
C VAL A 164 19.10 -5.73 -10.77
N ALA A 165 19.79 -6.10 -11.88
CA ALA A 165 20.07 -7.51 -12.13
C ALA A 165 20.91 -8.13 -11.02
N ALA A 166 21.94 -7.44 -10.52
CA ALA A 166 22.78 -8.02 -9.47
C ALA A 166 22.08 -8.08 -8.12
N TYR A 167 21.14 -7.15 -7.89
CA TYR A 167 20.34 -7.07 -6.67
C TYR A 167 19.37 -8.25 -6.63
N VAL A 168 18.65 -8.47 -7.73
CA VAL A 168 17.69 -9.57 -7.89
C VAL A 168 18.38 -10.93 -7.85
N GLN A 169 19.53 -11.07 -8.53
CA GLN A 169 20.31 -12.32 -8.49
C GLN A 169 20.72 -12.66 -7.03
N GLY A 170 21.18 -11.66 -6.30
CA GLY A 170 21.57 -11.84 -4.91
C GLY A 170 20.40 -12.22 -4.03
N LEU A 171 19.20 -11.62 -4.27
CA LEU A 171 18.02 -11.94 -3.47
C LEU A 171 17.56 -13.36 -3.73
N VAL A 172 17.49 -13.76 -5.00
CA VAL A 172 17.05 -15.09 -5.40
C VAL A 172 17.97 -16.19 -4.82
N GLN A 173 19.24 -15.88 -4.48
CA GLN A 173 20.15 -16.87 -3.91
C GLN A 173 20.13 -16.90 -2.37
N ARG A 174 19.36 -16.02 -1.71
CA ARG A 174 19.30 -16.04 -0.24
C ARG A 174 18.61 -17.35 0.20
N PRO A 175 19.15 -18.03 1.23
CA PRO A 175 18.53 -19.29 1.68
C PRO A 175 17.06 -19.15 2.05
N ALA A 176 16.66 -18.03 2.71
CA ALA A 176 15.24 -17.80 3.04
C ALA A 176 14.36 -17.62 1.80
N PHE A 177 14.92 -17.09 0.69
CA PHE A 177 14.18 -16.95 -0.57
C PHE A 177 14.01 -18.35 -1.17
N GLN A 178 15.09 -19.14 -1.15
CA GLN A 178 15.06 -20.52 -1.68
C GLN A 178 14.12 -21.43 -0.88
N ALA A 179 14.05 -21.24 0.44
CA ALA A 179 13.12 -21.97 1.31
C ALA A 179 11.66 -21.54 1.13
N SER A 180 11.38 -20.50 0.31
CA SER A 180 10.03 -19.99 0.15
C SER A 180 9.63 -19.81 -1.33
N ILE A 181 9.98 -18.66 -1.97
CA ILE A 181 9.63 -18.41 -3.38
C ILE A 181 10.40 -19.34 -4.35
N GLY A 182 11.65 -19.63 -4.01
CA GLY A 182 12.49 -20.50 -4.83
C GLY A 182 12.16 -21.97 -4.73
N ALA A 183 11.39 -22.38 -3.69
CA ALA A 183 11.03 -23.80 -3.50
C ALA A 183 10.03 -24.30 -4.55
N MET B 1 5.87 24.24 8.50
CA MET B 1 4.65 23.44 8.38
C MET B 1 4.79 22.38 7.29
N ILE B 2 3.80 21.47 7.17
CA ILE B 2 3.81 20.46 6.13
C ILE B 2 3.75 21.16 4.75
N LYS B 3 4.61 20.76 3.84
CA LYS B 3 4.54 21.20 2.46
C LYS B 3 3.99 19.99 1.72
N LEU B 4 2.96 20.19 0.94
CA LEU B 4 2.38 19.14 0.14
C LEU B 4 2.66 19.44 -1.34
N TYR B 5 3.31 18.50 -2.05
CA TYR B 5 3.59 18.62 -3.48
C TYR B 5 2.50 17.91 -4.24
N GLY B 6 1.88 18.65 -5.12
CA GLY B 6 0.77 18.13 -5.91
C GLY B 6 0.71 18.70 -7.29
N ALA B 7 -0.31 18.33 -8.03
CA ALA B 7 -0.53 18.80 -9.41
C ALA B 7 -2.04 18.69 -9.67
N PRO B 8 -2.58 19.38 -10.71
CA PRO B 8 -4.04 19.26 -10.97
C PRO B 8 -4.48 17.83 -11.22
N GLN B 9 -5.59 17.43 -10.59
CA GLN B 9 -6.22 16.09 -10.59
C GLN B 9 -5.28 14.95 -10.15
N SER B 10 -4.39 15.24 -9.20
CA SER B 10 -3.52 14.21 -8.65
C SER B 10 -4.14 13.74 -7.30
N ARG B 11 -3.53 12.73 -6.67
CA ARG B 11 -3.98 12.28 -5.35
C ARG B 11 -3.60 13.21 -4.22
N ALA B 12 -2.95 14.36 -4.51
CA ALA B 12 -2.68 15.38 -3.49
C ALA B 12 -4.03 15.87 -2.91
N SER B 13 -5.13 15.85 -3.72
CA SER B 13 -6.48 16.21 -3.27
C SER B 13 -6.97 15.30 -2.14
N ILE B 14 -6.54 14.04 -2.15
CA ILE B 14 -6.90 13.10 -1.09
C ILE B 14 -6.19 13.53 0.21
N ILE B 15 -4.92 13.94 0.11
CA ILE B 15 -4.16 14.43 1.27
C ILE B 15 -4.79 15.74 1.77
N GLN B 16 -5.22 16.62 0.84
CA GLN B 16 -5.87 17.90 1.19
C GLN B 16 -7.17 17.65 1.94
N TRP B 17 -7.93 16.61 1.55
CA TRP B 17 -9.15 16.26 2.26
C TRP B 17 -8.83 15.88 3.69
N TYR B 18 -7.85 14.99 3.91
CA TYR B 18 -7.47 14.61 5.26
C TYR B 18 -6.88 15.79 6.09
N LEU B 19 -6.07 16.68 5.49
CA LEU B 19 -5.55 17.89 6.16
C LEU B 19 -6.72 18.79 6.61
N GLU B 20 -7.82 18.83 5.81
CA GLU B 20 -9.03 19.57 6.11
C GLU B 20 -9.76 18.95 7.29
N GLU B 21 -9.83 17.59 7.33
CA GLU B 21 -10.46 16.83 8.40
C GLU B 21 -9.71 17.07 9.69
N LEU B 22 -8.38 17.09 9.65
CA LEU B 22 -7.57 17.34 10.85
C LEU B 22 -7.41 18.83 11.18
N SER B 23 -7.90 19.76 10.34
CA SER B 23 -7.75 21.21 10.54
C SER B 23 -6.28 21.59 10.70
N LEU B 24 -5.42 21.08 9.81
CA LEU B 24 -3.99 21.39 9.89
C LEU B 24 -3.63 22.35 8.80
N PRO B 25 -2.83 23.39 9.13
CA PRO B 25 -2.34 24.27 8.07
C PRO B 25 -1.23 23.55 7.28
N TYR B 26 -1.03 23.99 6.03
CA TYR B 26 0.01 23.41 5.19
C TYR B 26 0.29 24.34 4.01
N GLU B 27 1.42 24.15 3.36
CA GLU B 27 1.73 24.87 2.16
C GLU B 27 1.48 23.93 0.98
N PHE B 28 0.75 24.40 -0.04
CA PHE B 28 0.57 23.62 -1.26
C PHE B 28 1.64 24.06 -2.30
N VAL B 29 2.48 23.12 -2.72
CA VAL B 29 3.49 23.37 -3.74
C VAL B 29 3.10 22.66 -5.06
N ASN B 30 2.63 23.42 -6.04
CA ASN B 30 2.30 22.87 -7.35
C ASN B 30 3.57 22.43 -8.12
N VAL B 31 3.52 21.22 -8.70
CA VAL B 31 4.57 20.65 -9.51
C VAL B 31 3.98 20.57 -10.89
N ASN B 32 4.62 21.25 -11.84
CA ASN B 32 4.18 21.34 -13.23
C ASN B 32 4.53 20.07 -14.01
N LEU B 33 3.64 19.06 -13.98
CA LEU B 33 3.84 17.80 -14.67
C LEU B 33 3.89 17.97 -16.19
N LYS B 34 3.04 18.86 -16.75
CA LYS B 34 2.98 19.13 -18.19
C LYS B 34 4.31 19.57 -18.76
N GLU B 35 5.08 20.32 -17.99
CA GLU B 35 6.40 20.77 -18.39
C GLU B 35 7.55 19.86 -17.89
N GLY B 36 7.23 18.72 -17.28
CA GLY B 36 8.21 17.76 -16.80
C GLY B 36 9.00 18.23 -15.58
N GLU B 37 8.43 19.11 -14.75
CA GLU B 37 9.11 19.57 -13.53
C GLU B 37 9.41 18.39 -12.57
N HIS B 38 8.52 17.40 -12.53
CA HIS B 38 8.67 16.22 -11.68
C HIS B 38 9.84 15.29 -12.12
N ARG B 39 10.35 15.49 -13.34
CA ARG B 39 11.45 14.68 -13.89
C ARG B 39 12.82 15.33 -13.75
N GLN B 40 12.90 16.47 -13.09
CA GLN B 40 14.15 17.20 -12.91
C GLN B 40 14.73 16.95 -11.53
N ALA B 41 16.03 17.20 -11.36
CA ALA B 41 16.74 17.00 -10.10
C ALA B 41 16.06 17.55 -8.86
N PRO B 42 15.59 18.82 -8.78
CA PRO B 42 15.00 19.30 -7.53
C PRO B 42 13.79 18.48 -7.02
N TYR B 43 12.89 18.03 -7.92
CA TYR B 43 11.75 17.22 -7.48
C TYR B 43 12.17 15.77 -7.26
N LEU B 44 13.11 15.24 -8.07
CA LEU B 44 13.61 13.88 -7.84
C LEU B 44 14.33 13.72 -6.50
N ALA B 45 14.75 14.82 -5.86
CA ALA B 45 15.34 14.76 -4.52
C ALA B 45 14.23 14.57 -3.44
N ILE B 46 12.97 14.87 -3.77
CA ILE B 46 11.84 14.70 -2.88
C ILE B 46 11.27 13.28 -3.13
N ASN B 47 11.01 12.93 -4.38
CA ASN B 47 10.54 11.58 -4.75
C ASN B 47 11.39 11.13 -5.95
N PRO B 48 12.29 10.14 -5.73
CA PRO B 48 13.16 9.67 -6.83
C PRO B 48 12.42 9.05 -8.01
N PHE B 49 11.15 8.72 -7.82
CA PHE B 49 10.34 8.16 -8.88
C PHE B 49 9.50 9.22 -9.64
N GLY B 50 9.68 10.50 -9.29
CA GLY B 50 9.03 11.62 -9.97
C GLY B 50 7.52 11.61 -9.91
N LYS B 51 6.94 11.19 -8.78
CA LYS B 51 5.48 11.16 -8.64
C LYS B 51 4.98 12.07 -7.54
N VAL B 52 3.77 12.58 -7.73
CA VAL B 52 3.06 13.36 -6.73
C VAL B 52 1.85 12.48 -6.30
N PRO B 53 1.43 12.59 -5.03
CA PRO B 53 1.92 13.53 -4.03
C PRO B 53 3.16 13.11 -3.24
N ALA B 54 3.74 14.09 -2.59
CA ALA B 54 4.84 13.95 -1.66
C ALA B 54 4.69 15.07 -0.62
N ILE B 55 5.25 14.87 0.55
CA ILE B 55 5.26 15.91 1.58
C ILE B 55 6.68 16.14 2.05
N ALA B 56 6.92 17.35 2.57
CA ALA B 56 8.15 17.72 3.26
C ALA B 56 7.70 18.27 4.61
N ASP B 57 8.23 17.75 5.69
CA ASP B 57 7.91 18.18 7.05
C ASP B 57 9.29 18.45 7.70
N GLY B 58 9.83 19.63 7.46
CA GLY B 58 11.18 19.95 7.88
C GLY B 58 12.13 19.23 6.94
N ASN B 59 13.12 18.52 7.48
CA ASN B 59 14.04 17.74 6.63
C ASN B 59 13.44 16.38 6.18
N PHE B 60 12.28 16.00 6.72
CA PHE B 60 11.63 14.73 6.41
C PHE B 60 10.84 14.84 5.12
N HIS B 61 11.11 13.95 4.16
CA HIS B 61 10.38 13.88 2.91
C HIS B 61 9.64 12.53 2.90
N LEU B 62 8.44 12.50 2.31
CA LEU B 62 7.65 11.28 2.28
C LEU B 62 6.80 11.26 1.03
N TRP B 63 6.77 10.13 0.32
CA TRP B 63 5.94 10.01 -0.87
C TRP B 63 5.06 8.72 -0.77
N GLU B 64 4.10 8.55 -1.70
CA GLU B 64 3.04 7.53 -1.70
C GLU B 64 1.92 8.14 -0.89
N SER B 65 0.78 8.44 -1.50
CA SER B 65 -0.37 9.05 -0.83
C SER B 65 -0.82 8.23 0.38
N GLY B 66 -0.75 6.90 0.26
CA GLY B 66 -1.14 6.05 1.37
C GLY B 66 -0.24 6.20 2.59
N ALA B 67 1.08 6.28 2.38
CA ALA B 67 2.03 6.45 3.49
C ALA B 67 1.90 7.85 4.10
N ILE B 68 1.56 8.86 3.29
CA ILE B 68 1.34 10.20 3.80
C ILE B 68 0.08 10.20 4.69
N LEU B 69 -1.02 9.54 4.27
CA LEU B 69 -2.25 9.46 5.08
C LEU B 69 -1.95 8.80 6.42
N LEU B 70 -1.17 7.69 6.42
CA LEU B 70 -0.80 7.00 7.67
C LEU B 70 0.10 7.86 8.54
N TYR B 71 1.04 8.58 7.93
CA TYR B 71 1.94 9.45 8.68
C TYR B 71 1.13 10.57 9.36
N LEU B 72 0.23 11.23 8.63
CA LEU B 72 -0.59 12.28 9.17
C LEU B 72 -1.52 11.73 10.27
N ALA B 73 -2.09 10.51 10.08
CA ALA B 73 -2.96 9.91 11.10
C ALA B 73 -2.18 9.63 12.38
N GLU B 74 -0.97 9.10 12.27
CA GLU B 74 -0.11 8.85 13.43
C GLU B 74 0.26 10.14 14.16
N LYS B 75 0.72 11.16 13.42
CA LYS B 75 1.12 12.43 14.03
C LYS B 75 -0.02 13.13 14.76
N ALA B 76 -1.26 12.92 14.31
N ALA B 76 -1.24 13.01 14.24
CA ALA B 76 -2.45 13.51 14.93
CA ALA B 76 -2.42 13.62 14.87
C ALA B 76 -3.07 12.65 16.04
C ALA B 76 -3.01 12.79 16.02
N SER B 77 -2.60 11.41 16.23
N SER B 77 -2.38 11.63 16.35
CA SER B 77 -3.15 10.53 17.25
CA SER B 77 -2.79 10.69 17.37
C SER B 77 -2.78 10.98 18.67
C SER B 77 -4.23 10.21 17.20
N THR B 78 -3.76 10.95 19.57
N THR B 78 -4.62 9.91 15.95
CA THR B 78 -3.58 11.36 20.96
CA THR B 78 -5.95 9.39 15.67
C THR B 78 -3.36 10.17 21.87
C THR B 78 -6.00 7.83 15.64
N ILE B 79 -4.04 9.05 21.59
N ILE B 79 -4.86 7.16 15.85
CA ILE B 79 -3.87 7.83 22.38
CA ILE B 79 -4.76 5.69 15.86
C ILE B 79 -2.76 6.98 21.77
C ILE B 79 -4.24 5.30 17.24
N PRO B 80 -1.79 6.51 22.57
N PRO B 80 -4.79 4.24 17.88
CA PRO B 80 -0.70 5.69 22.00
CA PRO B 80 -4.22 3.81 19.17
C PRO B 80 -1.23 4.40 21.38
C PRO B 80 -2.77 3.34 19.02
N ALA B 81 -0.77 4.08 20.16
N ALA B 81 -1.97 3.49 20.09
CA ALA B 81 -1.24 2.93 19.39
CA ALA B 81 -0.56 3.10 20.03
C ALA B 81 -0.31 1.72 19.38
C ALA B 81 -0.38 1.59 20.15
N ASP B 82 -0.90 0.54 19.21
N ASP B 82 -0.36 0.89 19.01
CA ASP B 82 -0.19 -0.74 19.13
CA ASP B 82 -0.15 -0.55 18.97
C ASP B 82 0.01 -1.17 17.66
C ASP B 82 0.14 -1.04 17.56
N ALA B 83 0.94 -2.12 17.43
CA ALA B 83 1.26 -2.64 16.11
C ALA B 83 0.00 -3.20 15.40
N GLN B 84 -0.93 -3.82 16.16
CA GLN B 84 -2.18 -4.38 15.66
C GLN B 84 -3.17 -3.33 15.27
N ALA B 85 -3.26 -2.24 16.05
CA ALA B 85 -4.17 -1.13 15.78
C ALA B 85 -3.73 -0.41 14.50
N ARG B 86 -2.41 -0.20 14.33
CA ARG B 86 -1.84 0.39 13.13
C ARG B 86 -1.96 -0.57 11.94
N ALA B 87 -1.87 -1.89 12.18
CA ALA B 87 -1.97 -2.89 11.12
C ALA B 87 -3.33 -2.85 10.46
N LEU B 88 -4.41 -2.72 11.23
CA LEU B 88 -5.75 -2.66 10.64
C LEU B 88 -5.92 -1.39 9.83
N VAL B 89 -5.33 -0.27 10.26
CA VAL B 89 -5.38 0.97 9.46
C VAL B 89 -4.54 0.77 8.17
N ASN B 90 -3.32 0.22 8.27
CA ASN B 90 -2.44 -0.08 7.13
C ASN B 90 -3.10 -1.03 6.14
N GLN B 91 -3.81 -2.06 6.64
CA GLN B 91 -4.52 -3.02 5.81
C GLN B 91 -5.48 -2.32 4.86
N TRP B 92 -6.27 -1.38 5.36
CA TRP B 92 -7.25 -0.67 4.57
C TRP B 92 -6.62 0.35 3.59
N ILE B 93 -5.47 0.95 3.96
CA ILE B 93 -4.74 1.89 3.09
C ILE B 93 -4.11 1.11 1.94
N LEU B 94 -3.53 -0.06 2.23
CA LEU B 94 -3.00 -0.92 1.17
C LEU B 94 -4.09 -1.43 0.26
N PHE B 95 -5.24 -1.78 0.85
CA PHE B 95 -6.40 -2.25 0.10
C PHE B 95 -6.87 -1.14 -0.83
N ALA B 96 -7.00 0.10 -0.33
CA ALA B 96 -7.43 1.22 -1.18
C ALA B 96 -6.48 1.45 -2.36
N ASN B 97 -5.17 1.32 -2.10
CA ASN B 97 -4.14 1.58 -3.09
C ASN B 97 -3.83 0.48 -4.05
N SER B 98 -4.25 -0.76 -3.76
CA SER B 98 -3.95 -1.88 -4.64
C SER B 98 -5.23 -2.63 -5.01
N THR B 99 -5.69 -3.58 -4.15
CA THR B 99 -6.88 -4.41 -4.42
C THR B 99 -8.09 -3.63 -4.91
N LEU B 100 -8.51 -2.59 -4.18
CA LEU B 100 -9.64 -1.76 -4.56
C LEU B 100 -9.42 -0.93 -5.86
N ALA B 101 -8.36 -0.10 -5.91
CA ALA B 101 -8.10 0.71 -7.11
C ALA B 101 -7.93 -0.12 -8.38
N ASN B 102 -7.23 -1.25 -8.27
CA ASN B 102 -7.00 -2.12 -9.43
C ASN B 102 -8.28 -2.76 -9.93
N GLY B 103 -9.09 -3.25 -9.00
CA GLY B 103 -10.34 -3.92 -9.31
C GLY B 103 -11.36 -3.03 -9.97
N LEU B 104 -11.41 -1.75 -9.56
CA LEU B 104 -12.34 -0.79 -10.12
C LEU B 104 -11.82 -0.16 -11.41
N PHE B 105 -10.52 0.21 -11.45
CA PHE B 105 -10.01 1.01 -12.55
C PHE B 105 -9.17 0.27 -13.61
N ILE B 106 -8.84 -1.03 -13.44
CA ILE B 106 -8.11 -1.74 -14.51
C ILE B 106 -9.15 -2.43 -15.37
N GLU B 107 -9.28 -1.98 -16.63
CA GLU B 107 -10.28 -2.43 -17.59
C GLU B 107 -10.32 -3.94 -17.79
N ALA B 108 -9.17 -4.59 -17.86
CA ALA B 108 -9.11 -6.03 -18.08
C ALA B 108 -9.69 -6.85 -16.91
N VAL B 109 -9.68 -6.31 -15.67
CA VAL B 109 -10.19 -7.05 -14.51
C VAL B 109 -11.47 -6.51 -13.92
N ARG B 110 -11.92 -5.32 -14.33
CA ARG B 110 -13.11 -4.64 -13.80
C ARG B 110 -14.37 -5.50 -13.80
N GLU B 111 -14.74 -6.14 -14.93
CA GLU B 111 -15.97 -6.94 -15.03
C GLU B 111 -16.06 -7.99 -13.94
N LYS B 112 -14.93 -8.64 -13.64
CA LYS B 112 -14.93 -9.65 -12.60
C LYS B 112 -14.80 -9.07 -11.18
N GLU B 113 -13.79 -8.20 -10.97
CA GLU B 113 -13.42 -7.68 -9.64
C GLU B 113 -14.38 -6.71 -9.03
N MET B 114 -14.80 -5.71 -9.81
CA MET B 114 -15.64 -4.63 -9.31
C MET B 114 -16.93 -5.09 -8.61
N PRO B 115 -17.81 -5.93 -9.23
CA PRO B 115 -19.01 -6.36 -8.50
C PRO B 115 -18.67 -7.09 -7.20
N ARG B 116 -17.60 -7.90 -7.20
CA ARG B 116 -17.20 -8.62 -6.00
C ARG B 116 -16.72 -7.70 -4.88
N LEU B 117 -15.93 -6.65 -5.23
CA LEU B 117 -15.45 -5.69 -4.23
C LEU B 117 -16.61 -4.93 -3.65
N LEU B 118 -17.54 -4.44 -4.52
CA LEU B 118 -18.70 -3.67 -4.06
C LEU B 118 -19.67 -4.50 -3.25
N GLN B 119 -19.83 -5.79 -3.62
CA GLN B 119 -20.67 -6.73 -2.89
C GLN B 119 -20.10 -6.95 -1.48
N SER B 120 -18.77 -7.11 -1.36
CA SER B 120 -18.14 -7.26 -0.04
C SER B 120 -18.27 -5.98 0.81
N LEU B 121 -18.01 -4.80 0.21
CA LEU B 121 -18.11 -3.52 0.92
C LEU B 121 -19.55 -3.24 1.32
N GLU B 122 -20.52 -3.66 0.49
CA GLU B 122 -21.95 -3.49 0.77
C GLU B 122 -22.33 -4.17 2.11
N LYS B 123 -21.81 -5.38 2.35
CA LYS B 123 -22.05 -6.08 3.63
C LYS B 123 -21.42 -5.34 4.82
N ILE B 124 -20.18 -4.83 4.65
CA ILE B 124 -19.47 -4.12 5.71
C ILE B 124 -20.18 -2.80 6.03
N LEU B 125 -20.46 -2.01 5.00
CA LEU B 125 -21.09 -0.71 5.13
C LEU B 125 -22.59 -0.77 5.52
N GLY B 126 -23.22 -1.93 5.35
CA GLY B 126 -24.60 -2.12 5.76
C GLY B 126 -24.71 -2.31 7.27
N ARG B 127 -23.62 -2.74 7.93
CA ARG B 127 -23.57 -2.98 9.36
C ARG B 127 -22.96 -1.86 10.20
N SER B 128 -22.31 -0.86 9.58
CA SER B 128 -21.73 0.27 10.30
C SER B 128 -21.61 1.50 9.41
N PRO B 129 -21.73 2.72 9.97
CA PRO B 129 -21.68 3.92 9.11
C PRO B 129 -20.36 4.09 8.37
N PHE B 130 -19.23 3.73 8.99
CA PHE B 130 -17.89 3.86 8.42
C PHE B 130 -17.11 2.51 8.40
N ILE B 131 -15.99 2.43 7.64
CA ILE B 131 -15.23 1.19 7.52
C ILE B 131 -14.81 0.58 8.88
N LEU B 132 -14.28 1.38 9.81
CA LEU B 132 -13.83 0.87 11.10
C LEU B 132 -14.87 0.95 12.23
N GLY B 133 -16.13 1.22 11.90
CA GLY B 133 -17.17 1.30 12.92
C GLY B 133 -18.01 2.54 12.92
N GLU B 134 -18.24 3.08 14.12
CA GLU B 134 -19.08 4.27 14.30
C GLU B 134 -18.40 5.57 13.96
N LYS B 135 -17.07 5.62 14.11
CA LYS B 135 -16.29 6.84 13.93
C LYS B 135 -15.52 6.94 12.58
N PHE B 136 -15.68 8.06 11.87
CA PHE B 136 -14.98 8.37 10.62
C PHE B 136 -13.47 8.39 10.91
N SER B 137 -12.67 7.84 10.01
CA SER B 137 -11.22 7.81 10.20
C SER B 137 -10.46 8.00 8.87
N VAL B 138 -9.10 7.98 8.89
CA VAL B 138 -8.26 8.04 7.69
C VAL B 138 -8.60 6.91 6.68
N VAL B 139 -9.10 5.77 7.19
CA VAL B 139 -9.53 4.65 6.36
C VAL B 139 -10.65 5.08 5.40
N ASP B 140 -11.60 5.88 5.89
CA ASP B 140 -12.68 6.40 5.04
C ASP B 140 -12.18 7.37 3.98
N VAL B 141 -11.13 8.12 4.29
CA VAL B 141 -10.49 8.99 3.30
C VAL B 141 -9.86 8.15 2.20
N ALA B 142 -9.11 7.10 2.60
CA ALA B 142 -8.44 6.23 1.62
C ALA B 142 -9.41 5.40 0.74
N VAL B 143 -10.34 4.66 1.35
CA VAL B 143 -11.27 3.83 0.60
C VAL B 143 -12.31 4.72 -0.10
N GLY B 144 -12.89 5.63 0.66
CA GLY B 144 -13.89 6.58 0.15
C GLY B 144 -13.47 7.43 -1.04
N SER B 145 -12.20 7.85 -1.11
CA SER B 145 -11.70 8.64 -2.24
C SER B 145 -11.73 7.79 -3.49
N ILE B 146 -11.31 6.49 -3.38
CA ILE B 146 -11.32 5.60 -4.54
C ILE B 146 -12.75 5.43 -5.04
N LEU B 147 -13.69 5.13 -4.13
CA LEU B 147 -15.10 4.96 -4.48
C LEU B 147 -15.70 6.24 -5.09
N ALA B 148 -15.40 7.43 -4.54
CA ALA B 148 -15.95 8.68 -5.09
C ALA B 148 -15.44 8.98 -6.50
N TYR B 149 -14.27 8.47 -6.89
CA TYR B 149 -13.77 8.66 -8.26
C TYR B 149 -14.49 7.75 -9.28
N VAL B 150 -15.32 6.77 -8.82
CA VAL B 150 -16.02 5.87 -9.75
C VAL B 150 -17.06 6.66 -10.60
N PRO B 151 -18.02 7.42 -10.03
CA PRO B 151 -18.90 8.22 -10.89
C PRO B 151 -18.13 9.22 -11.76
N ILE B 152 -17.14 9.90 -11.15
CA ILE B 152 -16.31 10.91 -11.79
C ILE B 152 -15.53 10.42 -13.03
N MET B 153 -14.82 9.28 -12.92
CA MET B 153 -13.98 8.79 -14.01
C MET B 153 -14.55 7.68 -14.86
N LEU B 154 -15.46 6.86 -14.32
CA LEU B 154 -15.99 5.74 -15.08
C LEU B 154 -17.43 5.92 -15.55
N LYS B 155 -18.10 7.03 -15.16
CA LYS B 155 -19.52 7.31 -15.45
C LYS B 155 -20.43 6.16 -14.95
N LEU B 156 -19.98 5.45 -13.89
CA LEU B 156 -20.75 4.37 -13.27
C LEU B 156 -21.34 4.83 -11.95
N ASN B 157 -22.34 4.11 -11.43
CA ASN B 157 -22.96 4.48 -10.16
C ASN B 157 -23.04 3.28 -9.19
N PHE B 158 -23.48 3.52 -7.94
CA PHE B 158 -23.59 2.46 -6.96
C PHE B 158 -25.06 2.11 -6.69
N ASP B 159 -25.93 2.20 -7.72
CA ASP B 159 -27.37 1.91 -7.57
C ASP B 159 -27.68 0.50 -7.07
N ASP B 160 -26.90 -0.53 -7.47
CA ASP B 160 -27.13 -1.89 -6.99
C ASP B 160 -26.61 -2.13 -5.58
N TYR B 161 -25.92 -1.14 -4.98
CA TYR B 161 -25.28 -1.25 -3.67
C TYR B 161 -25.69 -0.05 -2.86
N PRO B 162 -26.92 -0.08 -2.29
CA PRO B 162 -27.44 1.10 -1.59
C PRO B 162 -26.63 1.57 -0.40
N ALA B 163 -26.05 0.67 0.38
CA ALA B 163 -25.22 1.06 1.53
C ALA B 163 -23.89 1.72 1.09
N VAL B 164 -23.30 1.26 -0.04
CA VAL B 164 -22.08 1.85 -0.57
C VAL B 164 -22.45 3.25 -1.12
N ALA B 165 -23.52 3.34 -1.93
CA ALA B 165 -24.02 4.60 -2.48
C ALA B 165 -24.28 5.63 -1.38
N ALA B 166 -24.91 5.23 -0.26
CA ALA B 166 -25.18 6.17 0.83
C ALA B 166 -23.91 6.59 1.54
N TYR B 167 -22.93 5.67 1.64
CA TYR B 167 -21.66 5.95 2.31
C TYR B 167 -20.89 7.00 1.49
N VAL B 168 -20.84 6.81 0.18
CA VAL B 168 -20.15 7.71 -0.72
C VAL B 168 -20.88 9.06 -0.76
N GLN B 169 -22.23 9.09 -0.78
CA GLN B 169 -22.96 10.38 -0.75
C GLN B 169 -22.63 11.14 0.55
N GLY B 170 -22.64 10.42 1.66
CA GLY B 170 -22.31 11.00 2.97
C GLY B 170 -20.90 11.56 3.03
N LEU B 171 -19.91 10.87 2.40
CA LEU B 171 -18.53 11.36 2.36
C LEU B 171 -18.43 12.63 1.51
N VAL B 172 -19.03 12.61 0.33
CA VAL B 172 -19.03 13.73 -0.59
C VAL B 172 -19.66 14.99 0.03
N GLN B 173 -20.67 14.81 0.89
CA GLN B 173 -21.34 15.95 1.54
C GLN B 173 -20.57 16.52 2.72
N ARG B 174 -19.46 15.90 3.15
CA ARG B 174 -18.70 16.44 4.28
C ARG B 174 -18.05 17.76 3.83
N PRO B 175 -18.12 18.82 4.67
CA PRO B 175 -17.50 20.11 4.29
C PRO B 175 -16.03 19.99 3.95
N ALA B 176 -15.27 19.11 4.68
CA ALA B 176 -13.85 18.93 4.35
C ALA B 176 -13.65 18.33 2.97
N PHE B 177 -14.60 17.52 2.51
CA PHE B 177 -14.54 16.92 1.18
C PHE B 177 -14.84 18.01 0.14
N GLN B 178 -15.91 18.77 0.36
CA GLN B 178 -16.27 19.86 -0.56
C GLN B 178 -15.17 20.91 -0.67
N ALA B 179 -14.41 21.16 0.40
CA ALA B 179 -13.31 22.13 0.34
C ALA B 179 -12.07 21.61 -0.39
N SER B 180 -11.99 20.30 -0.66
CA SER B 180 -10.82 19.70 -1.31
C SER B 180 -11.13 18.93 -2.63
N ILE B 181 -11.51 17.62 -2.58
CA ILE B 181 -11.81 16.85 -3.79
C ILE B 181 -13.00 17.43 -4.55
N GLY B 182 -13.99 17.91 -3.81
CA GLY B 182 -15.21 18.48 -4.38
C GLY B 182 -15.04 19.86 -4.97
N ALA B 183 -13.88 20.51 -4.78
CA ALA B 183 -13.64 21.84 -5.33
C ALA B 183 -12.89 21.78 -6.66
#